data_4LJH
#
_entry.id   4LJH
#
_cell.length_a   49.6
_cell.length_b   68.2
_cell.length_c   159.4
_cell.angle_alpha   90.00
_cell.angle_beta   90.00
_cell.angle_gamma   90.00
#
_symmetry.space_group_name_H-M   'P 21 21 21'
#
loop_
_entity.id
_entity.type
_entity.pdbx_description
1 polymer 'PA-I galactophilic lectin'
2 non-polymer 'CALCIUM ION'
3 non-polymer 1-methyl-1H-indol-3-ol
4 non-polymer beta-D-galactopyranose
5 water water
#
_entity_poly.entity_id   1
_entity_poly.type   'polypeptide(L)'
_entity_poly.pdbx_seq_one_letter_code
;MAWKGEVLANNEAGQVTSIIYNPGDVITIVAAGWASYGPTQKWGPQGDREHPDQGLICHDAFCGALVMKIGNSGTIPVNT
GLFRWVAPNNVQGAITLIYNDVPGTYGNNSGSFSVNIGKDQS
;
_entity_poly.pdbx_strand_id   A,B,C,D
#
# COMPACT_ATOMS: atom_id res chain seq x y z
N ALA A 2 4.56 -34.54 -11.67
CA ALA A 2 3.35 -33.75 -11.52
C ALA A 2 2.65 -34.09 -10.21
N TRP A 3 1.71 -33.24 -9.82
CA TRP A 3 0.98 -33.42 -8.57
C TRP A 3 -0.48 -33.06 -8.79
N LYS A 4 -1.37 -33.83 -8.17
CA LYS A 4 -2.79 -33.52 -8.19
C LYS A 4 -3.33 -33.76 -6.79
N GLY A 5 -4.16 -32.84 -6.31
CA GLY A 5 -4.72 -32.98 -4.98
C GLY A 5 -5.70 -31.88 -4.66
N GLU A 6 -6.18 -31.87 -3.42
CA GLU A 6 -7.17 -30.88 -3.02
C GLU A 6 -6.60 -29.95 -1.96
N VAL A 7 -7.09 -28.73 -1.96
CA VAL A 7 -6.73 -27.75 -0.96
C VAL A 7 -7.99 -27.34 -0.23
N LEU A 8 -8.08 -27.67 1.06
CA LEU A 8 -9.26 -27.34 1.85
C LEU A 8 -9.28 -25.86 2.25
N ALA A 9 -10.43 -25.22 2.10
CA ALA A 9 -10.56 -23.80 2.44
C ALA A 9 -10.32 -23.53 3.93
N ASN A 10 -10.63 -24.50 4.78
CA ASN A 10 -10.46 -24.29 6.21
C ASN A 10 -9.10 -24.71 6.76
N ASN A 11 -8.17 -25.04 5.87
CA ASN A 11 -6.84 -25.44 6.28
C ASN A 11 -5.88 -24.25 6.29
N GLU A 12 -5.72 -23.64 7.47
CA GLU A 12 -4.90 -22.43 7.57
C GLU A 12 -3.44 -22.68 7.18
N ALA A 13 -2.94 -23.88 7.45
CA ALA A 13 -1.54 -24.22 7.16
C ALA A 13 -1.29 -24.47 5.67
N GLY A 14 -2.35 -24.73 4.92
CA GLY A 14 -2.22 -25.00 3.50
C GLY A 14 -1.82 -26.44 3.22
N GLN A 15 -1.85 -26.80 1.94
CA GLN A 15 -1.56 -28.15 1.51
C GLN A 15 -0.16 -28.17 0.90
N VAL A 16 0.76 -28.90 1.53
CA VAL A 16 2.11 -29.04 0.97
C VAL A 16 2.07 -30.07 -0.15
N THR A 17 2.49 -29.68 -1.35
CA THR A 17 2.47 -30.58 -2.48
C THR A 17 3.79 -31.34 -2.58
N SER A 18 3.87 -32.25 -3.54
CA SER A 18 5.11 -33.01 -3.78
C SER A 18 6.03 -32.27 -4.74
N ILE A 19 5.63 -31.07 -5.15
CA ILE A 19 6.41 -30.30 -6.11
C ILE A 19 7.46 -29.46 -5.41
N ILE A 20 8.72 -29.68 -5.79
CA ILE A 20 9.79 -28.82 -5.36
C ILE A 20 10.16 -27.92 -6.53
N TYR A 21 9.92 -26.63 -6.38
CA TYR A 21 10.27 -25.67 -7.41
C TYR A 21 11.76 -25.37 -7.33
N ASN A 22 12.47 -25.62 -8.43
CA ASN A 22 13.91 -25.39 -8.48
C ASN A 22 14.22 -24.23 -9.42
N PRO A 23 15.38 -23.58 -9.23
CA PRO A 23 15.75 -22.48 -10.12
C PRO A 23 15.66 -22.90 -11.58
N GLY A 24 15.03 -22.06 -12.40
CA GLY A 24 14.89 -22.36 -13.81
C GLY A 24 13.64 -23.14 -14.19
N ASP A 25 12.94 -23.69 -13.19
CA ASP A 25 11.74 -24.47 -13.48
C ASP A 25 10.65 -23.62 -14.11
N VAL A 26 9.92 -24.23 -15.03
CA VAL A 26 8.73 -23.63 -15.61
C VAL A 26 7.59 -24.53 -15.17
N ILE A 27 6.53 -23.94 -14.60
CA ILE A 27 5.41 -24.75 -14.12
C ILE A 27 4.07 -24.30 -14.65
N THR A 28 3.13 -25.22 -14.67
CA THR A 28 1.75 -24.92 -14.99
C THR A 28 0.88 -25.41 -13.83
N ILE A 29 -0.06 -24.57 -13.45
CA ILE A 29 -1.03 -24.92 -12.42
C ILE A 29 -2.41 -24.68 -13.00
N VAL A 30 -3.34 -25.62 -12.78
CA VAL A 30 -4.75 -25.41 -13.07
C VAL A 30 -5.54 -25.73 -11.80
N ALA A 31 -6.38 -24.81 -11.37
CA ALA A 31 -7.19 -25.02 -10.17
C ALA A 31 -8.68 -24.89 -10.49
N ALA A 32 -9.51 -25.70 -9.82
CA ALA A 32 -10.95 -25.65 -10.03
C ALA A 32 -11.66 -25.89 -8.72
N GLY A 33 -12.95 -25.59 -8.69
CA GLY A 33 -13.76 -25.92 -7.52
C GLY A 33 -14.40 -24.71 -6.85
N TRP A 34 -14.99 -24.96 -5.69
CA TRP A 34 -15.86 -24.01 -5.03
C TRP A 34 -15.61 -24.00 -3.53
N ALA A 35 -15.46 -22.81 -2.97
CA ALA A 35 -15.14 -22.69 -1.55
C ALA A 35 -15.67 -21.38 -0.98
N SER A 36 -15.76 -21.32 0.34
CA SER A 36 -16.21 -20.09 0.99
C SER A 36 -15.34 -19.76 2.19
N TYR A 37 -15.23 -18.46 2.46
CA TYR A 37 -14.55 -17.93 3.63
C TYR A 37 -15.53 -17.69 4.78
N GLY A 38 -16.78 -18.10 4.62
CA GLY A 38 -17.76 -17.92 5.69
C GLY A 38 -19.21 -17.97 5.23
N PRO A 39 -19.57 -17.16 4.22
CA PRO A 39 -20.96 -17.15 3.74
C PRO A 39 -21.45 -18.49 3.16
N THR A 40 -22.78 -18.59 3.00
CA THR A 40 -23.35 -19.80 2.43
C THR A 40 -23.00 -19.94 0.94
N GLN A 41 -22.80 -18.82 0.27
CA GLN A 41 -22.35 -18.84 -1.14
C GLN A 41 -20.95 -19.42 -1.25
N LYS A 42 -20.58 -19.89 -2.43
CA LYS A 42 -19.20 -20.27 -2.70
C LYS A 42 -18.66 -19.56 -3.93
N TRP A 43 -17.33 -19.46 -3.99
CA TRP A 43 -16.63 -18.77 -5.07
C TRP A 43 -15.57 -19.71 -5.63
N GLY A 44 -15.18 -19.47 -6.88
CA GLY A 44 -14.10 -20.20 -7.51
C GLY A 44 -12.73 -19.73 -7.06
N PRO A 45 -11.67 -20.23 -7.71
CA PRO A 45 -10.28 -19.99 -7.29
C PRO A 45 -9.81 -18.53 -7.40
N GLN A 46 -10.58 -17.68 -8.06
CA GLN A 46 -10.27 -16.24 -8.07
C GLN A 46 -10.81 -15.53 -6.85
N GLY A 47 -11.64 -16.21 -6.07
CA GLY A 47 -12.22 -15.63 -4.87
C GLY A 47 -13.38 -14.68 -5.15
N ASP A 48 -13.64 -13.80 -4.18
CA ASP A 48 -14.78 -12.89 -4.22
C ASP A 48 -14.28 -11.48 -4.51
N ARG A 49 -14.53 -11.02 -5.73
CA ARG A 49 -14.01 -9.74 -6.19
C ARG A 49 -14.67 -8.54 -5.49
N GLU A 50 -15.76 -8.79 -4.77
CA GLU A 50 -16.49 -7.70 -4.12
C GLU A 50 -16.17 -7.61 -2.64
N HIS A 51 -15.22 -8.43 -2.18
CA HIS A 51 -14.96 -8.53 -0.74
C HIS A 51 -13.79 -7.67 -0.31
N PRO A 52 -13.93 -6.95 0.82
CA PRO A 52 -12.80 -6.15 1.26
C PRO A 52 -11.66 -7.02 1.79
N ASP A 53 -10.44 -6.48 1.72
CA ASP A 53 -9.25 -7.12 2.29
C ASP A 53 -9.14 -6.72 3.76
N GLN A 54 -9.42 -7.66 4.66
CA GLN A 54 -9.44 -7.37 6.09
C GLN A 54 -8.19 -7.91 6.78
N GLY A 55 -7.11 -8.06 6.01
CA GLY A 55 -5.88 -8.62 6.55
C GLY A 55 -5.55 -9.98 5.96
N LEU A 56 -5.78 -10.14 4.66
CA LEU A 56 -5.56 -11.42 3.99
C LEU A 56 -4.10 -11.85 4.01
N ILE A 57 -3.86 -13.16 3.98
CA ILE A 57 -2.48 -13.64 3.87
C ILE A 57 -1.85 -13.25 2.53
N CYS A 58 -2.67 -12.98 1.52
CA CYS A 58 -2.16 -12.47 0.25
C CYS A 58 -2.93 -11.23 -0.17
N HIS A 59 -2.27 -10.08 -0.14
CA HIS A 59 -2.95 -8.82 -0.44
C HIS A 59 -3.08 -8.57 -1.94
N ASP A 60 -2.49 -9.45 -2.73
CA ASP A 60 -2.54 -9.32 -4.18
C ASP A 60 -3.54 -10.26 -4.85
N ALA A 61 -4.42 -10.85 -4.05
CA ALA A 61 -5.53 -11.67 -4.57
C ALA A 61 -6.75 -11.41 -3.71
N PHE A 62 -7.92 -11.77 -4.22
CA PHE A 62 -9.15 -11.56 -3.48
C PHE A 62 -9.29 -12.57 -2.34
N CYS A 63 -10.09 -12.21 -1.33
CA CYS A 63 -10.48 -13.16 -0.31
C CYS A 63 -11.14 -14.36 -0.99
N GLY A 64 -10.69 -15.57 -0.62
CA GLY A 64 -11.24 -16.78 -1.22
C GLY A 64 -10.50 -17.28 -2.47
N ALA A 65 -9.44 -16.57 -2.85
CA ALA A 65 -8.62 -17.00 -3.97
C ALA A 65 -7.64 -18.07 -3.56
N LEU A 66 -7.17 -18.88 -4.51
CA LEU A 66 -6.06 -19.78 -4.26
C LEU A 66 -4.74 -19.04 -4.39
N VAL A 67 -3.88 -19.20 -3.40
CA VAL A 67 -2.53 -18.65 -3.44
C VAL A 67 -1.53 -19.75 -3.09
N MET A 68 -0.24 -19.44 -3.16
CA MET A 68 0.78 -20.42 -2.80
C MET A 68 1.98 -19.76 -2.16
N LYS A 69 2.79 -20.59 -1.51
CA LYS A 69 4.14 -20.22 -1.12
C LYS A 69 5.07 -21.23 -1.76
N ILE A 70 6.24 -20.75 -2.18
CA ILE A 70 7.27 -21.62 -2.69
C ILE A 70 8.42 -21.56 -1.70
N GLY A 71 8.69 -22.70 -1.07
CA GLY A 71 9.56 -22.72 0.09
C GLY A 71 8.91 -21.87 1.16
N ASN A 72 9.62 -20.85 1.59
CA ASN A 72 9.16 -19.94 2.62
C ASN A 72 8.82 -18.59 2.03
N SER A 73 8.63 -18.56 0.71
CA SER A 73 8.41 -17.30 0.01
C SER A 73 7.22 -16.57 0.63
N GLY A 74 7.05 -15.31 0.25
CA GLY A 74 5.80 -14.62 0.52
C GLY A 74 4.71 -15.27 -0.31
N THR A 75 3.47 -14.98 0.00
CA THR A 75 2.39 -15.56 -0.78
C THR A 75 2.38 -15.03 -2.21
N ILE A 76 2.00 -15.91 -3.14
CA ILE A 76 1.95 -15.61 -4.56
C ILE A 76 0.57 -16.02 -5.07
N PRO A 77 -0.13 -15.11 -5.77
CA PRO A 77 -1.45 -15.49 -6.28
C PRO A 77 -1.39 -16.62 -7.31
N VAL A 78 -2.33 -17.54 -7.22
CA VAL A 78 -2.47 -18.60 -8.21
C VAL A 78 -3.77 -18.41 -8.97
N ASN A 79 -4.85 -18.12 -8.23
CA ASN A 79 -6.16 -17.95 -8.85
C ASN A 79 -6.55 -19.20 -9.62
N THR A 80 -7.03 -19.05 -10.86
CA THR A 80 -7.42 -20.22 -11.65
C THR A 80 -6.21 -21.04 -12.10
N GLY A 81 -5.02 -20.46 -12.02
CA GLY A 81 -3.83 -21.17 -12.45
C GLY A 81 -2.75 -20.28 -13.04
N LEU A 82 -1.64 -20.91 -13.43
CA LEU A 82 -0.49 -20.22 -13.99
C LEU A 82 -0.06 -21.02 -15.21
N PHE A 83 0.18 -20.33 -16.32
CA PHE A 83 0.51 -21.00 -17.57
C PHE A 83 1.98 -20.81 -17.92
N ARG A 84 2.74 -21.90 -17.85
CA ARG A 84 4.18 -21.90 -18.19
C ARG A 84 4.89 -20.74 -17.50
N TRP A 85 4.86 -20.79 -16.18
CA TRP A 85 5.22 -19.68 -15.31
C TRP A 85 6.57 -19.94 -14.64
N VAL A 86 7.35 -18.87 -14.48
CA VAL A 86 8.64 -18.94 -13.80
C VAL A 86 8.62 -18.03 -12.57
N ALA A 87 9.24 -18.50 -11.48
CA ALA A 87 9.19 -17.80 -10.20
C ALA A 87 10.18 -16.64 -10.17
N PRO A 88 9.94 -15.67 -9.26
CA PRO A 88 10.86 -14.53 -9.12
C PRO A 88 12.25 -14.99 -8.70
N ASN A 89 13.24 -14.11 -8.86
CA ASN A 89 14.60 -14.42 -8.46
C ASN A 89 14.67 -14.90 -7.01
N ASN A 90 15.47 -15.93 -6.78
CA ASN A 90 15.75 -16.44 -5.44
C ASN A 90 14.56 -17.09 -4.74
N VAL A 91 13.55 -17.47 -5.51
CA VAL A 91 12.41 -18.21 -4.97
C VAL A 91 12.53 -19.69 -5.33
N GLN A 92 12.50 -20.55 -4.32
CA GLN A 92 12.65 -21.99 -4.55
C GLN A 92 12.21 -22.81 -3.36
N GLY A 93 11.88 -24.06 -3.60
CA GLY A 93 11.45 -24.94 -2.53
C GLY A 93 10.07 -25.54 -2.78
N ALA A 94 9.56 -26.25 -1.79
CA ALA A 94 8.29 -26.96 -1.90
C ALA A 94 7.15 -25.97 -2.13
N ILE A 95 6.23 -26.36 -3.00
CA ILE A 95 5.03 -25.54 -3.22
C ILE A 95 3.94 -25.91 -2.22
N THR A 96 3.50 -24.92 -1.45
CA THR A 96 2.36 -25.08 -0.55
C THR A 96 1.19 -24.26 -1.10
N LEU A 97 0.04 -24.91 -1.28
CA LEU A 97 -1.18 -24.21 -1.72
C LEU A 97 -2.01 -23.80 -0.51
N ILE A 98 -2.57 -22.59 -0.56
CA ILE A 98 -3.32 -22.08 0.58
C ILE A 98 -4.53 -21.26 0.11
N TYR A 99 -5.65 -21.41 0.81
CA TYR A 99 -6.82 -20.58 0.60
C TYR A 99 -6.52 -19.20 1.18
N ASN A 100 -6.87 -18.16 0.45
CA ASN A 100 -6.64 -16.78 0.90
C ASN A 100 -7.74 -16.30 1.86
N ASP A 101 -7.41 -16.24 3.15
CA ASP A 101 -8.32 -15.69 4.15
C ASP A 101 -7.47 -14.95 5.18
N VAL A 102 -8.15 -14.38 6.18
CA VAL A 102 -7.49 -13.67 7.27
C VAL A 102 -7.02 -14.67 8.33
N PRO A 103 -5.75 -14.57 8.76
CA PRO A 103 -5.28 -15.50 9.79
C PRO A 103 -6.24 -15.54 10.99
N GLY A 104 -6.45 -16.73 11.54
CA GLY A 104 -7.33 -16.90 12.69
C GLY A 104 -8.80 -17.05 12.35
N THR A 105 -9.15 -16.87 11.06
CA THR A 105 -10.55 -16.91 10.66
C THR A 105 -10.87 -18.05 9.72
N TYR A 106 -9.97 -19.03 9.62
CA TYR A 106 -10.20 -20.15 8.71
C TYR A 106 -11.26 -21.14 9.20
N GLY A 107 -11.60 -21.08 10.49
CA GLY A 107 -12.46 -22.09 11.08
C GLY A 107 -13.87 -22.21 10.51
N ASN A 108 -14.39 -21.13 9.95
CA ASN A 108 -15.75 -21.17 9.36
C ASN A 108 -15.74 -21.37 7.84
N ASN A 109 -14.59 -21.73 7.30
CA ASN A 109 -14.48 -21.92 5.86
C ASN A 109 -14.99 -23.27 5.43
N SER A 110 -15.37 -23.38 4.17
CA SER A 110 -15.86 -24.65 3.65
C SER A 110 -15.51 -24.82 2.19
N GLY A 111 -15.57 -26.06 1.74
CA GLY A 111 -15.23 -26.38 0.37
C GLY A 111 -13.73 -26.58 0.17
N SER A 112 -13.36 -26.77 -1.08
CA SER A 112 -11.98 -27.08 -1.43
C SER A 112 -11.76 -26.80 -2.91
N PHE A 113 -10.50 -26.63 -3.29
CA PHE A 113 -10.14 -26.54 -4.70
C PHE A 113 -9.36 -27.79 -5.10
N SER A 114 -9.62 -28.27 -6.32
CA SER A 114 -8.85 -29.35 -6.89
C SER A 114 -7.78 -28.72 -7.76
N VAL A 115 -6.53 -29.15 -7.60
CA VAL A 115 -5.42 -28.49 -8.26
C VAL A 115 -4.46 -29.48 -8.90
N ASN A 116 -4.04 -29.17 -10.13
CA ASN A 116 -2.97 -29.90 -10.81
C ASN A 116 -1.78 -29.00 -10.97
N ILE A 117 -0.58 -29.54 -10.71
CA ILE A 117 0.67 -28.84 -10.95
C ILE A 117 1.61 -29.75 -11.75
N GLY A 118 2.23 -29.19 -12.80
CA GLY A 118 3.24 -29.94 -13.54
C GLY A 118 4.42 -29.05 -13.89
N LYS A 119 5.54 -29.67 -14.23
CA LYS A 119 6.68 -28.93 -14.75
C LYS A 119 6.72 -28.99 -16.27
N ASP A 120 7.10 -27.88 -16.88
CA ASP A 120 7.08 -27.72 -18.33
C ASP A 120 8.49 -27.76 -18.91
N GLN A 121 8.60 -27.89 -20.22
CA GLN A 121 9.94 -28.00 -20.79
C GLN A 121 10.70 -26.68 -20.76
N SER A 122 12.02 -26.79 -20.79
CA SER A 122 12.88 -25.62 -20.82
C SER A 122 14.18 -26.00 -21.51
N ALA B 2 11.73 4.38 1.35
CA ALA B 2 10.44 5.03 1.14
C ALA B 2 9.73 5.25 2.46
N TRP B 3 8.71 6.08 2.43
CA TRP B 3 7.92 6.35 3.63
C TRP B 3 6.46 6.14 3.31
N LYS B 4 5.77 5.45 4.20
CA LYS B 4 4.33 5.26 4.08
C LYS B 4 3.71 5.49 5.45
N GLY B 5 2.66 6.29 5.51
CA GLY B 5 2.04 6.58 6.80
C GLY B 5 0.83 7.45 6.68
N GLU B 6 0.45 8.07 7.78
CA GLU B 6 -0.69 8.97 7.77
C GLU B 6 -0.32 10.31 8.35
N VAL B 7 -1.01 11.34 7.87
CA VAL B 7 -0.83 12.70 8.33
C VAL B 7 -2.13 13.12 8.98
N LEU B 8 -2.11 13.30 10.30
CA LEU B 8 -3.32 13.67 11.03
C LEU B 8 -3.65 15.13 10.80
N ALA B 9 -4.91 15.42 10.51
CA ALA B 9 -5.35 16.80 10.30
C ALA B 9 -5.12 17.68 11.52
N ASN B 10 -5.20 17.10 12.71
CA ASN B 10 -5.03 17.89 13.92
C ASN B 10 -3.58 18.04 14.40
N ASN B 11 -2.63 17.56 13.61
CA ASN B 11 -1.21 17.55 13.99
C ASN B 11 -0.55 18.83 13.51
N GLU B 12 -0.57 19.87 14.34
CA GLU B 12 -0.11 21.19 13.93
C GLU B 12 1.38 21.19 13.54
N ALA B 13 2.17 20.34 14.17
CA ALA B 13 3.62 20.33 13.93
C ALA B 13 3.98 19.55 12.68
N GLY B 14 3.02 18.81 12.15
CA GLY B 14 3.24 18.03 10.95
C GLY B 14 3.86 16.69 11.24
N GLN B 15 4.06 15.93 10.18
CA GLN B 15 4.58 14.58 10.27
C GLN B 15 5.96 14.56 9.62
N VAL B 16 7.02 14.43 10.41
CA VAL B 16 8.37 14.36 9.85
C VAL B 16 8.65 12.96 9.32
N THR B 17 8.89 12.84 8.01
CA THR B 17 9.08 11.54 7.37
C THR B 17 10.54 11.10 7.37
N SER B 18 10.79 9.93 6.79
CA SER B 18 12.13 9.36 6.70
C SER B 18 12.85 9.81 5.44
N ILE B 19 12.21 10.69 4.66
CA ILE B 19 12.78 11.13 3.40
C ILE B 19 13.60 12.40 3.59
N ILE B 20 14.91 12.30 3.36
CA ILE B 20 15.74 13.49 3.36
C ILE B 20 15.90 13.91 1.91
N TYR B 21 15.31 15.05 1.57
CA TYR B 21 15.39 15.52 0.19
C TYR B 21 16.75 16.17 -0.07
N ASN B 22 17.48 15.64 -1.04
CA ASN B 22 18.79 16.18 -1.39
C ASN B 22 18.79 16.79 -2.79
N PRO B 23 19.68 17.76 -3.04
CA PRO B 23 19.73 18.38 -4.36
C PRO B 23 19.76 17.34 -5.47
N GLY B 24 18.90 17.52 -6.46
CA GLY B 24 18.86 16.62 -7.60
C GLY B 24 17.90 15.47 -7.44
N ASP B 25 17.41 15.25 -6.22
CA ASP B 25 16.49 14.14 -5.96
C ASP B 25 15.19 14.31 -6.75
N VAL B 26 14.68 13.19 -7.25
CA VAL B 26 13.37 13.18 -7.87
C VAL B 26 12.46 12.36 -6.95
N ILE B 27 11.31 12.92 -6.60
CA ILE B 27 10.42 12.23 -5.68
C ILE B 27 9.01 12.10 -6.21
N THR B 28 8.34 11.07 -5.72
CA THR B 28 6.91 10.91 -5.97
C THR B 28 6.18 10.82 -4.66
N ILE B 29 5.07 11.53 -4.59
CA ILE B 29 4.17 11.46 -3.44
C ILE B 29 2.77 11.16 -3.97
N VAL B 30 2.07 10.22 -3.33
CA VAL B 30 0.65 10.02 -3.59
C VAL B 30 -0.08 10.14 -2.24
N ALA B 31 -1.13 10.97 -2.20
CA ALA B 31 -1.87 11.18 -0.96
C ALA B 31 -3.34 10.85 -1.19
N ALA B 32 -3.99 10.26 -0.19
CA ALA B 32 -5.40 9.90 -0.30
C ALA B 32 -6.10 10.10 1.04
N GLY B 33 -7.43 10.10 1.03
CA GLY B 33 -8.19 10.10 2.26
C GLY B 33 -9.03 11.33 2.48
N TRP B 34 -9.54 11.44 3.71
CA TRP B 34 -10.58 12.40 4.04
C TRP B 34 -10.30 13.05 5.38
N ALA B 35 -10.38 14.37 5.43
CA ALA B 35 -10.07 15.08 6.66
C ALA B 35 -10.84 16.38 6.73
N SER B 36 -10.88 16.97 7.93
CA SER B 36 -11.62 18.21 8.14
C SER B 36 -10.87 19.20 9.02
N TYR B 37 -11.05 20.47 8.71
CA TYR B 37 -10.50 21.55 9.53
C TYR B 37 -11.49 21.96 10.62
N GLY B 38 -12.62 21.27 10.74
CA GLY B 38 -13.56 21.58 11.80
C GLY B 38 -14.94 20.99 11.62
N PRO B 39 -15.58 21.24 10.47
CA PRO B 39 -16.92 20.73 10.18
C PRO B 39 -17.03 19.20 10.20
N THR B 40 -18.27 18.70 10.28
CA THR B 40 -18.48 17.26 10.21
C THR B 40 -18.24 16.68 8.80
N GLN B 41 -18.33 17.54 7.79
CA GLN B 41 -17.96 17.13 6.43
C GLN B 41 -16.46 16.88 6.35
N LYS B 42 -16.03 16.15 5.33
CA LYS B 42 -14.60 15.96 5.11
C LYS B 42 -14.24 16.22 3.66
N TRP B 43 -12.99 16.61 3.46
CA TRP B 43 -12.44 16.92 2.14
C TRP B 43 -11.20 16.09 1.86
N GLY B 44 -10.90 15.92 0.57
CA GLY B 44 -9.70 15.22 0.15
C GLY B 44 -8.45 16.05 0.27
N PRO B 45 -7.31 15.52 -0.22
CA PRO B 45 -6.00 16.18 -0.03
C PRO B 45 -5.85 17.52 -0.76
N GLN B 46 -6.78 17.87 -1.65
CA GLN B 46 -6.79 19.21 -2.22
C GLN B 46 -7.51 20.23 -1.34
N GLY B 47 -8.15 19.75 -0.27
CA GLY B 47 -8.89 20.60 0.64
C GLY B 47 -10.24 21.10 0.16
N ASP B 48 -10.68 22.20 0.75
CA ASP B 48 -11.99 22.78 0.50
C ASP B 48 -11.88 24.03 -0.38
N ARG B 49 -12.21 23.88 -1.65
CA ARG B 49 -12.06 24.96 -2.62
C ARG B 49 -12.99 26.14 -2.38
N GLU B 50 -13.99 25.95 -1.51
CA GLU B 50 -14.95 27.02 -1.21
C GLU B 50 -14.57 27.84 0.02
N HIS B 51 -13.50 27.44 0.70
CA HIS B 51 -13.18 28.01 2.01
C HIS B 51 -12.23 29.18 1.90
N PRO B 52 -12.49 30.26 2.65
CA PRO B 52 -11.61 31.43 2.65
C PRO B 52 -10.28 31.14 3.35
N ASP B 53 -9.22 31.82 2.94
CA ASP B 53 -7.93 31.71 3.61
C ASP B 53 -7.91 32.67 4.79
N GLN B 54 -7.95 32.13 6.00
CA GLN B 54 -8.01 32.95 7.21
C GLN B 54 -6.68 32.99 7.96
N GLY B 55 -5.59 32.74 7.26
CA GLY B 55 -4.28 32.72 7.88
C GLY B 55 -3.61 31.35 7.81
N LEU B 56 -3.82 30.68 6.69
CA LEU B 56 -3.29 29.33 6.47
C LEU B 56 -1.76 29.30 6.45
N ILE B 57 -1.19 28.16 6.85
CA ILE B 57 0.25 28.00 6.76
C ILE B 57 0.73 27.98 5.30
N CYS B 58 -0.16 27.65 4.37
CA CYS B 58 0.18 27.71 2.94
C CYS B 58 -0.88 28.50 2.19
N HIS B 59 -0.51 29.69 1.73
CA HIS B 59 -1.44 30.53 0.99
C HIS B 59 -1.61 30.09 -0.47
N ASP B 60 -0.85 29.08 -0.88
CA ASP B 60 -0.93 28.58 -2.25
C ASP B 60 -1.71 27.28 -2.37
N ALA B 61 -2.42 26.92 -1.31
CA ALA B 61 -3.27 25.73 -1.32
C ALA B 61 -4.52 26.01 -0.49
N PHE B 62 -5.58 25.27 -0.74
CA PHE B 62 -6.83 25.46 -0.01
C PHE B 62 -6.72 25.00 1.44
N CYS B 63 -7.61 25.52 2.29
CA CYS B 63 -7.72 25.04 3.65
C CYS B 63 -8.07 23.56 3.59
N GLY B 64 -7.34 22.73 4.34
CA GLY B 64 -7.60 21.30 4.31
C GLY B 64 -6.79 20.52 3.29
N ALA B 65 -5.94 21.22 2.55
CA ALA B 65 -5.04 20.55 1.61
C ALA B 65 -3.80 19.99 2.32
N LEU B 66 -3.17 19.01 1.68
CA LEU B 66 -1.88 18.52 2.16
C LEU B 66 -0.77 19.40 1.62
N VAL B 67 0.14 19.82 2.50
CA VAL B 67 1.30 20.60 2.08
C VAL B 67 2.55 19.99 2.72
N MET B 68 3.73 20.54 2.39
CA MET B 68 4.94 20.04 3.00
C MET B 68 5.97 21.12 3.20
N LYS B 69 6.94 20.83 4.04
CA LYS B 69 8.16 21.61 4.10
C LYS B 69 9.33 20.68 3.84
N ILE B 70 10.38 21.22 3.24
CA ILE B 70 11.60 20.46 3.06
C ILE B 70 12.68 21.16 3.89
N GLY B 71 13.20 20.46 4.89
CA GLY B 71 14.05 21.11 5.88
C GLY B 71 13.25 22.26 6.47
N ASN B 72 13.85 23.44 6.51
CA ASN B 72 13.14 24.60 7.04
C ASN B 72 12.58 25.52 5.96
N SER B 73 12.26 24.95 4.80
CA SER B 73 11.66 25.72 3.71
C SER B 73 10.30 26.28 4.13
N GLY B 74 9.79 27.22 3.33
CA GLY B 74 8.38 27.59 3.43
C GLY B 74 7.52 26.43 2.97
N THR B 75 6.22 26.55 3.18
CA THR B 75 5.30 25.49 2.79
C THR B 75 5.21 25.35 1.27
N ILE B 76 5.12 24.11 0.82
CA ILE B 76 4.98 23.79 -0.59
C ILE B 76 3.72 22.92 -0.76
N PRO B 77 2.82 23.30 -1.67
CA PRO B 77 1.62 22.47 -1.89
C PRO B 77 1.94 21.06 -2.38
N VAL B 78 1.25 20.08 -1.82
CA VAL B 78 1.34 18.70 -2.25
C VAL B 78 0.03 18.27 -2.86
N ASN B 79 -1.08 18.57 -2.17
CA ASN B 79 -2.41 18.20 -2.67
C ASN B 79 -2.50 16.69 -2.85
N THR B 80 -2.94 16.23 -4.01
CA THR B 80 -3.06 14.79 -4.23
C THR B 80 -1.71 14.08 -4.40
N GLY B 81 -0.65 14.85 -4.64
CA GLY B 81 0.65 14.23 -4.81
C GLY B 81 1.57 14.98 -5.76
N LEU B 82 2.78 14.44 -5.89
CA LEU B 82 3.78 15.00 -6.78
C LEU B 82 4.27 13.87 -7.66
N PHE B 83 4.37 14.13 -8.97
CA PHE B 83 4.81 13.11 -9.92
C PHE B 83 6.22 13.42 -10.41
N ARG B 84 7.19 12.63 -9.95
CA ARG B 84 8.59 12.77 -10.37
C ARG B 84 9.03 14.23 -10.29
N TRP B 85 8.97 14.75 -9.07
CA TRP B 85 9.10 16.16 -8.78
C TRP B 85 10.50 16.49 -8.29
N VAL B 86 11.01 17.63 -8.75
CA VAL B 86 12.31 18.14 -8.32
C VAL B 86 12.11 19.49 -7.63
N ALA B 87 12.77 19.68 -6.49
CA ALA B 87 12.59 20.89 -5.67
C ALA B 87 13.28 22.11 -6.28
N PRO B 88 12.91 23.31 -5.80
CA PRO B 88 13.61 24.53 -6.20
C PRO B 88 15.06 24.52 -5.73
N ASN B 89 15.88 25.39 -6.32
CA ASN B 89 17.28 25.48 -5.95
C ASN B 89 17.45 25.73 -4.45
N ASN B 90 18.47 25.10 -3.87
CA ASN B 90 18.83 25.32 -2.46
C ASN B 90 17.82 24.81 -1.43
N VAL B 91 16.83 24.04 -1.87
CA VAL B 91 15.89 23.43 -0.95
C VAL B 91 16.35 22.02 -0.60
N GLN B 92 16.53 21.74 0.69
CA GLN B 92 16.97 20.41 1.12
C GLN B 92 16.68 20.11 2.60
N GLY B 93 16.60 18.82 2.91
CA GLY B 93 16.36 18.39 4.27
C GLY B 93 15.17 17.45 4.36
N ALA B 94 14.80 17.09 5.59
CA ALA B 94 13.73 16.14 5.82
C ALA B 94 12.42 16.70 5.31
N ILE B 95 11.60 15.83 4.72
CA ILE B 95 10.26 16.22 4.32
C ILE B 95 9.31 16.08 5.49
N THR B 96 8.67 17.19 5.86
CA THR B 96 7.60 17.18 6.85
C THR B 96 6.28 17.40 6.13
N LEU B 97 5.32 16.51 6.35
CA LEU B 97 3.98 16.63 5.76
C LEU B 97 3.05 17.32 6.74
N ILE B 98 2.22 18.23 6.26
CA ILE B 98 1.37 19.02 7.16
C ILE B 98 0.01 19.28 6.55
N TYR B 99 -1.03 19.20 7.37
CA TYR B 99 -2.38 19.58 6.98
C TYR B 99 -2.43 21.11 6.95
N ASN B 100 -3.06 21.69 5.92
CA ASN B 100 -3.15 23.14 5.78
C ASN B 100 -4.30 23.74 6.59
N ASP B 101 -3.98 24.38 7.72
CA ASP B 101 -4.99 25.07 8.51
C ASP B 101 -4.31 26.30 9.13
N VAL B 102 -5.08 27.06 9.91
CA VAL B 102 -4.60 28.26 10.58
C VAL B 102 -3.92 27.88 11.89
N PRO B 103 -2.69 28.37 12.11
CA PRO B 103 -2.05 28.08 13.40
C PRO B 103 -2.95 28.47 14.59
N GLY B 104 -3.01 27.59 15.58
CA GLY B 104 -3.86 27.80 16.74
C GLY B 104 -5.26 27.23 16.59
N THR B 105 -5.56 26.69 15.42
CA THR B 105 -6.91 26.15 15.15
C THR B 105 -6.91 24.66 14.78
N TYR B 106 -5.79 23.98 14.91
CA TYR B 106 -5.71 22.58 14.53
C TYR B 106 -6.45 21.64 15.49
N GLY B 107 -6.71 22.10 16.71
CA GLY B 107 -7.25 21.22 17.73
C GLY B 107 -8.62 20.61 17.46
N ASN B 108 -9.42 21.23 16.60
CA ASN B 108 -10.75 20.70 16.28
C ASN B 108 -10.78 19.91 14.97
N ASN B 109 -9.61 19.64 14.41
CA ASN B 109 -9.54 18.93 13.14
C ASN B 109 -9.79 17.44 13.30
N SER B 110 -10.16 16.78 12.22
CA SER B 110 -10.42 15.34 12.29
C SER B 110 -9.97 14.65 11.03
N GLY B 111 -9.73 13.35 11.16
CA GLY B 111 -9.33 12.55 10.03
C GLY B 111 -7.85 12.68 9.71
N SER B 112 -7.46 12.06 8.61
CA SER B 112 -6.06 12.00 8.20
C SER B 112 -5.96 11.67 6.73
N PHE B 113 -4.79 11.93 6.15
CA PHE B 113 -4.50 11.48 4.80
C PHE B 113 -3.48 10.37 4.87
N SER B 114 -3.65 9.35 4.03
CA SER B 114 -2.68 8.29 3.86
C SER B 114 -1.72 8.73 2.77
N VAL B 115 -0.42 8.61 3.02
CA VAL B 115 0.58 9.16 2.11
C VAL B 115 1.73 8.18 1.87
N ASN B 116 2.12 8.03 0.61
CA ASN B 116 3.34 7.32 0.23
C ASN B 116 4.30 8.31 -0.40
N ILE B 117 5.58 8.21 -0.03
CA ILE B 117 6.64 8.99 -0.65
C ILE B 117 7.81 8.07 -0.98
N GLY B 118 8.36 8.25 -2.17
CA GLY B 118 9.58 7.53 -2.50
C GLY B 118 10.50 8.39 -3.35
N LYS B 119 11.78 8.03 -3.37
CA LYS B 119 12.71 8.63 -4.30
C LYS B 119 12.71 7.84 -5.60
N ASP B 120 12.73 8.56 -6.71
CA ASP B 120 12.64 7.94 -8.02
C ASP B 120 14.03 7.87 -8.65
N GLN B 121 14.12 7.18 -9.77
CA GLN B 121 15.37 7.14 -10.50
C GLN B 121 15.70 8.55 -10.97
N SER B 122 16.97 8.90 -10.98
CA SER B 122 17.38 10.23 -11.42
C SER B 122 18.82 10.23 -11.98
N ALA C 2 6.18 7.85 -20.34
CA ALA C 2 5.19 8.41 -19.42
C ALA C 2 4.13 9.14 -20.21
N TRP C 3 2.97 9.38 -19.59
CA TRP C 3 1.88 10.05 -20.25
C TRP C 3 1.33 11.13 -19.32
N LYS C 4 0.99 12.27 -19.89
CA LYS C 4 0.32 13.33 -19.15
C LYS C 4 -0.83 13.87 -19.99
N GLY C 5 -1.99 14.07 -19.37
CA GLY C 5 -3.12 14.56 -20.11
C GLY C 5 -4.29 14.83 -19.21
N GLU C 6 -5.40 15.20 -19.84
CA GLU C 6 -6.62 15.53 -19.13
C GLU C 6 -7.72 14.52 -19.41
N VAL C 7 -8.53 14.27 -18.41
CA VAL C 7 -9.70 13.42 -18.54
C VAL C 7 -10.91 14.30 -18.27
N LEU C 8 -11.80 14.42 -19.26
CA LEU C 8 -12.96 15.27 -19.14
C LEU C 8 -14.07 14.55 -18.41
N ALA C 9 -14.69 15.24 -17.47
CA ALA C 9 -15.78 14.66 -16.70
C ALA C 9 -16.97 14.32 -17.57
N ASN C 10 -17.17 15.08 -18.65
CA ASN C 10 -18.35 14.85 -19.50
C ASN C 10 -18.13 13.85 -20.63
N ASN C 11 -17.01 13.13 -20.60
CA ASN C 11 -16.70 12.15 -21.66
C ASN C 11 -16.96 10.72 -21.20
N GLU C 12 -18.10 10.17 -21.57
CA GLU C 12 -18.45 8.81 -21.17
C GLU C 12 -17.45 7.79 -21.68
N ALA C 13 -16.81 8.08 -22.81
CA ALA C 13 -15.84 7.17 -23.41
C ALA C 13 -14.52 7.16 -22.66
N GLY C 14 -14.25 8.23 -21.93
CA GLY C 14 -12.99 8.37 -21.22
C GLY C 14 -11.85 8.68 -22.15
N GLN C 15 -10.64 8.76 -21.59
CA GLN C 15 -9.45 9.15 -22.32
C GLN C 15 -8.51 7.96 -22.45
N VAL C 16 -8.25 7.53 -23.68
CA VAL C 16 -7.27 6.47 -23.91
C VAL C 16 -5.88 7.08 -23.82
N THR C 17 -5.01 6.50 -22.99
CA THR C 17 -3.67 7.03 -22.82
C THR C 17 -2.72 6.27 -23.73
N SER C 18 -1.46 6.70 -23.75
CA SER C 18 -0.45 6.04 -24.57
C SER C 18 0.21 4.90 -23.81
N ILE C 19 -0.24 4.68 -22.58
CA ILE C 19 0.35 3.64 -21.73
C ILE C 19 -0.27 2.29 -22.04
N ILE C 20 0.56 1.34 -22.42
CA ILE C 20 0.14 -0.05 -22.53
C ILE C 20 0.66 -0.79 -21.31
N TYR C 21 -0.25 -1.24 -20.45
CA TYR C 21 0.14 -1.98 -19.27
C TYR C 21 0.48 -3.44 -19.63
N ASN C 22 1.73 -3.83 -19.39
CA ASN C 22 2.16 -5.20 -19.65
C ASN C 22 2.38 -5.96 -18.35
N PRO C 23 2.26 -7.29 -18.40
CA PRO C 23 2.46 -8.15 -17.24
C PRO C 23 3.73 -7.80 -16.49
N GLY C 24 3.61 -7.55 -15.20
CA GLY C 24 4.75 -7.26 -14.37
C GLY C 24 5.09 -5.78 -14.26
N ASP C 25 4.42 -4.94 -15.05
CA ASP C 25 4.70 -3.50 -15.00
C ASP C 25 4.35 -2.94 -13.62
N VAL C 26 5.20 -2.06 -13.11
CA VAL C 26 4.88 -1.27 -11.93
C VAL C 26 4.58 0.14 -12.41
N ILE C 27 3.44 0.68 -12.00
CA ILE C 27 3.08 2.01 -12.47
C ILE C 27 2.77 2.99 -11.34
N THR C 28 2.96 4.26 -11.65
CA THR C 28 2.55 5.33 -10.75
C THR C 28 1.57 6.24 -11.48
N ILE C 29 0.48 6.59 -10.81
CA ILE C 29 -0.45 7.56 -11.34
C ILE C 29 -0.64 8.65 -10.29
N VAL C 30 -0.61 9.91 -10.71
CA VAL C 30 -1.05 11.02 -9.85
C VAL C 30 -2.12 11.81 -10.59
N ALA C 31 -3.26 12.01 -9.94
CA ALA C 31 -4.39 12.72 -10.54
C ALA C 31 -4.75 13.94 -9.70
N ALA C 32 -5.09 15.03 -10.37
CA ALA C 32 -5.47 16.26 -9.66
C ALA C 32 -6.58 16.99 -10.42
N GLY C 33 -7.25 17.89 -9.71
CA GLY C 33 -8.22 18.76 -10.32
C GLY C 33 -9.61 18.66 -9.74
N TRP C 34 -10.55 19.28 -10.43
CA TRP C 34 -11.89 19.50 -9.88
C TRP C 34 -12.93 19.23 -10.95
N ALA C 35 -13.95 18.46 -10.61
CA ALA C 35 -14.97 18.10 -11.58
C ALA C 35 -16.31 17.85 -10.91
N SER C 36 -17.37 17.82 -11.72
CA SER C 36 -18.71 17.60 -11.18
C SER C 36 -19.49 16.65 -12.05
N TYR C 37 -20.38 15.88 -11.41
CA TYR C 37 -21.27 14.98 -12.12
C TYR C 37 -22.61 15.67 -12.36
N GLY C 38 -22.69 16.97 -12.06
CA GLY C 38 -23.93 17.70 -12.32
C GLY C 38 -24.08 18.97 -11.52
N PRO C 39 -23.91 18.88 -10.19
CA PRO C 39 -24.09 20.06 -9.33
C PRO C 39 -23.11 21.18 -9.63
N THR C 40 -23.41 22.36 -9.11
CA THR C 40 -22.54 23.52 -9.31
C THR C 40 -21.21 23.30 -8.57
N GLN C 41 -21.26 22.60 -7.44
CA GLN C 41 -20.06 22.29 -6.68
C GLN C 41 -19.16 21.35 -7.46
N LYS C 42 -17.89 21.28 -7.09
CA LYS C 42 -16.95 20.35 -7.68
C LYS C 42 -16.22 19.50 -6.64
N TRP C 43 -15.78 18.31 -7.06
CA TRP C 43 -15.09 17.37 -6.19
C TRP C 43 -13.76 16.99 -6.81
N GLY C 44 -12.85 16.49 -5.99
CA GLY C 44 -11.56 16.01 -6.46
C GLY C 44 -11.65 14.60 -7.00
N PRO C 45 -10.50 14.00 -7.32
CA PRO C 45 -10.46 12.68 -7.99
C PRO C 45 -10.99 11.53 -7.14
N GLN C 46 -11.24 11.75 -5.85
CA GLN C 46 -11.89 10.72 -5.06
C GLN C 46 -13.41 10.79 -5.15
N GLY C 47 -13.91 11.85 -5.79
CA GLY C 47 -15.34 12.03 -5.97
C GLY C 47 -16.08 12.50 -4.73
N ASP C 48 -17.39 12.21 -4.70
CA ASP C 48 -18.29 12.71 -3.67
C ASP C 48 -18.65 11.57 -2.71
N ARG C 49 -18.06 11.59 -1.52
CA ARG C 49 -18.23 10.54 -0.54
C ARG C 49 -19.65 10.45 0.04
N GLU C 50 -20.47 11.46 -0.22
CA GLU C 50 -21.84 11.51 0.30
C GLU C 50 -22.90 11.07 -0.72
N HIS C 51 -22.46 10.77 -1.93
CA HIS C 51 -23.39 10.49 -3.04
C HIS C 51 -23.70 9.00 -3.17
N PRO C 52 -24.99 8.66 -3.37
CA PRO C 52 -25.37 7.26 -3.58
C PRO C 52 -24.89 6.73 -4.93
N ASP C 53 -24.67 5.43 -5.01
CA ASP C 53 -24.37 4.75 -6.28
C ASP C 53 -25.67 4.43 -7.03
N GLN C 54 -25.95 5.18 -8.09
CA GLN C 54 -27.18 4.99 -8.86
C GLN C 54 -26.95 4.25 -10.18
N GLY C 55 -25.88 3.47 -10.24
CA GLY C 55 -25.56 2.70 -11.43
C GLY C 55 -24.24 3.12 -12.05
N LEU C 56 -23.26 3.42 -11.20
CA LEU C 56 -21.95 3.89 -11.64
C LEU C 56 -21.20 2.86 -12.48
N ILE C 57 -20.33 3.33 -13.37
CA ILE C 57 -19.48 2.42 -14.12
C ILE C 57 -18.48 1.71 -13.21
N CYS C 58 -18.22 2.28 -12.03
CA CYS C 58 -17.36 1.62 -11.06
C CYS C 58 -18.01 1.63 -9.69
N HIS C 59 -18.45 0.47 -9.22
CA HIS C 59 -19.15 0.38 -7.94
C HIS C 59 -18.20 0.40 -6.76
N ASP C 60 -16.89 0.42 -7.03
CA ASP C 60 -15.90 0.43 -5.95
C ASP C 60 -15.26 1.79 -5.75
N ALA C 61 -15.86 2.82 -6.34
CA ALA C 61 -15.42 4.20 -6.14
C ALA C 61 -16.64 5.12 -6.09
N PHE C 62 -16.48 6.28 -5.47
CA PHE C 62 -17.58 7.24 -5.38
C PHE C 62 -17.91 7.83 -6.75
N CYS C 63 -19.13 8.32 -6.89
CA CYS C 63 -19.51 9.09 -8.05
C CYS C 63 -18.57 10.28 -8.14
N GLY C 64 -18.01 10.51 -9.32
CA GLY C 64 -17.11 11.63 -9.55
C GLY C 64 -15.66 11.31 -9.30
N ALA C 65 -15.37 10.05 -9.00
CA ALA C 65 -13.98 9.62 -8.84
C ALA C 65 -13.34 9.27 -10.18
N LEU C 66 -12.02 9.31 -10.22
CA LEU C 66 -11.29 8.84 -11.38
C LEU C 66 -11.14 7.34 -11.30
N VAL C 67 -11.48 6.65 -12.38
CA VAL C 67 -11.26 5.22 -12.47
C VAL C 67 -10.55 4.90 -13.79
N MET C 68 -10.19 3.65 -14.01
CA MET C 68 -9.56 3.27 -15.27
C MET C 68 -9.97 1.87 -15.69
N LYS C 69 -9.69 1.55 -16.96
CA LYS C 69 -9.72 0.18 -17.43
C LYS C 69 -8.34 -0.10 -18.02
N ILE C 70 -7.88 -1.33 -17.91
CA ILE C 70 -6.65 -1.77 -18.54
C ILE C 70 -7.06 -2.79 -19.59
N GLY C 71 -6.82 -2.47 -20.86
CA GLY C 71 -7.35 -3.28 -21.94
C GLY C 71 -8.87 -3.26 -21.83
N ASN C 72 -9.49 -4.43 -21.89
CA ASN C 72 -10.93 -4.49 -21.71
C ASN C 72 -11.32 -5.01 -20.33
N SER C 73 -10.47 -4.76 -19.33
CA SER C 73 -10.78 -5.12 -17.95
C SER C 73 -12.03 -4.39 -17.48
N GLY C 74 -12.56 -4.81 -16.34
CA GLY C 74 -13.56 -4.03 -15.64
C GLY C 74 -12.92 -2.77 -15.10
N THR C 75 -13.74 -1.86 -14.59
CA THR C 75 -13.20 -0.62 -14.04
C THR C 75 -12.42 -0.87 -12.75
N ILE C 76 -11.37 -0.09 -12.58
CA ILE C 76 -10.49 -0.17 -11.41
C ILE C 76 -10.36 1.23 -10.84
N PRO C 77 -10.58 1.39 -9.52
CA PRO C 77 -10.47 2.74 -8.95
C PRO C 77 -9.06 3.30 -9.06
N VAL C 78 -8.96 4.58 -9.41
CA VAL C 78 -7.68 5.27 -9.37
C VAL C 78 -7.69 6.31 -8.25
N ASN C 79 -8.78 7.05 -8.14
CA ASN C 79 -8.89 8.11 -7.13
C ASN C 79 -7.74 9.11 -7.29
N THR C 80 -7.03 9.44 -6.21
CA THR C 80 -5.96 10.43 -6.33
C THR C 80 -4.72 9.89 -7.04
N GLY C 81 -4.62 8.57 -7.15
CA GLY C 81 -3.50 7.97 -7.86
C GLY C 81 -3.09 6.63 -7.31
N LEU C 82 -2.02 6.08 -7.87
CA LEU C 82 -1.51 4.78 -7.52
C LEU C 82 -0.02 4.88 -7.31
N PHE C 83 0.48 4.28 -6.24
CA PHE C 83 1.90 4.38 -5.90
C PHE C 83 2.59 3.04 -6.13
N ARG C 84 3.39 2.97 -7.19
CA ARG C 84 4.17 1.77 -7.52
C ARG C 84 3.30 0.53 -7.46
N TRP C 85 2.29 0.54 -8.34
CA TRP C 85 1.17 -0.39 -8.29
C TRP C 85 1.32 -1.44 -9.39
N VAL C 86 0.90 -2.67 -9.09
CA VAL C 86 0.96 -3.76 -10.05
C VAL C 86 -0.44 -4.33 -10.21
N ALA C 87 -0.83 -4.59 -11.46
CA ALA C 87 -2.16 -5.07 -11.79
C ALA C 87 -2.31 -6.56 -11.49
N PRO C 88 -3.55 -7.03 -11.31
CA PRO C 88 -3.77 -8.45 -11.09
C PRO C 88 -3.33 -9.28 -12.29
N ASN C 89 -3.15 -10.58 -12.06
CA ASN C 89 -2.95 -11.55 -13.14
C ASN C 89 -3.86 -11.31 -14.34
N ASN C 90 -3.32 -11.52 -15.54
CA ASN C 90 -4.13 -11.53 -16.75
C ASN C 90 -4.83 -10.20 -17.06
N VAL C 91 -4.38 -9.13 -16.42
CA VAL C 91 -4.83 -7.80 -16.77
C VAL C 91 -3.75 -7.09 -17.58
N GLN C 92 -4.07 -6.68 -18.80
CA GLN C 92 -3.09 -6.04 -19.67
C GLN C 92 -3.74 -5.31 -20.84
N GLY C 93 -3.02 -4.33 -21.38
CA GLY C 93 -3.53 -3.53 -22.47
C GLY C 93 -3.47 -2.05 -22.19
N ALA C 94 -4.02 -1.27 -23.12
CA ALA C 94 -3.98 0.18 -22.99
C ALA C 94 -4.75 0.63 -21.74
N ILE C 95 -4.20 1.63 -21.05
CA ILE C 95 -4.95 2.25 -19.95
C ILE C 95 -5.89 3.34 -20.46
N THR C 96 -7.17 3.20 -20.13
CA THR C 96 -8.16 4.24 -20.40
C THR C 96 -8.59 4.83 -19.07
N LEU C 97 -8.58 6.15 -18.98
CA LEU C 97 -9.01 6.85 -17.76
C LEU C 97 -10.44 7.34 -17.96
N ILE C 98 -11.28 7.20 -16.94
CA ILE C 98 -12.69 7.55 -17.06
C ILE C 98 -13.22 8.16 -15.79
N TYR C 99 -14.06 9.18 -15.95
CA TYR C 99 -14.78 9.80 -14.84
C TYR C 99 -15.89 8.84 -14.43
N ASN C 100 -16.06 8.62 -13.13
CA ASN C 100 -17.07 7.69 -12.63
C ASN C 100 -18.45 8.33 -12.53
N ASP C 101 -19.34 8.01 -13.47
CA ASP C 101 -20.71 8.49 -13.44
C ASP C 101 -21.61 7.37 -13.98
N VAL C 102 -22.92 7.62 -14.03
CA VAL C 102 -23.87 6.65 -14.56
C VAL C 102 -24.00 6.81 -16.07
N PRO C 103 -23.92 5.69 -16.81
CA PRO C 103 -24.02 5.75 -18.28
C PRO C 103 -25.26 6.52 -18.70
N GLY C 104 -25.09 7.42 -19.66
CA GLY C 104 -26.20 8.22 -20.16
C GLY C 104 -26.37 9.55 -19.46
N THR C 105 -25.61 9.75 -18.37
CA THR C 105 -25.76 10.97 -17.58
C THR C 105 -24.52 11.85 -17.58
N TYR C 106 -23.57 11.57 -18.45
CA TYR C 106 -22.34 12.37 -18.50
C TYR C 106 -22.57 13.76 -19.08
N GLY C 107 -23.68 13.93 -19.79
CA GLY C 107 -23.94 15.19 -20.48
C GLY C 107 -23.92 16.46 -19.65
N ASN C 108 -24.32 16.37 -18.37
CA ASN C 108 -24.35 17.55 -17.52
C ASN C 108 -23.09 17.68 -16.63
N ASN C 109 -22.06 16.92 -16.95
CA ASN C 109 -20.81 16.97 -16.18
C ASN C 109 -19.94 18.15 -16.56
N SER C 110 -19.05 18.55 -15.67
CA SER C 110 -18.15 19.66 -15.95
C SER C 110 -16.80 19.43 -15.32
N GLY C 111 -15.79 20.11 -15.86
CA GLY C 111 -14.45 20.02 -15.33
C GLY C 111 -13.66 18.84 -15.84
N SER C 112 -12.49 18.64 -15.25
CA SER C 112 -11.59 17.60 -15.71
C SER C 112 -10.53 17.33 -14.67
N PHE C 113 -9.84 16.19 -14.81
CA PHE C 113 -8.69 15.87 -13.99
C PHE C 113 -7.44 15.87 -14.85
N SER C 114 -6.36 16.42 -14.31
CA SER C 114 -5.05 16.34 -14.94
C SER C 114 -4.35 15.13 -14.34
N VAL C 115 -3.79 14.28 -15.20
CA VAL C 115 -3.27 13.00 -14.76
C VAL C 115 -1.91 12.68 -15.37
N ASN C 116 -0.99 12.22 -14.53
CA ASN C 116 0.30 11.70 -14.98
C ASN C 116 0.37 10.21 -14.75
N ILE C 117 0.90 9.46 -15.72
CA ILE C 117 1.12 8.04 -15.55
C ILE C 117 2.54 7.69 -16.01
N GLY C 118 3.27 6.94 -15.19
CA GLY C 118 4.57 6.46 -15.63
C GLY C 118 4.81 5.01 -15.22
N LYS C 119 5.75 4.35 -15.88
CA LYS C 119 6.20 3.04 -15.45
C LYS C 119 7.40 3.21 -14.55
N ASP C 120 7.49 2.34 -13.55
CA ASP C 120 8.49 2.49 -12.50
C ASP C 120 9.55 1.42 -12.61
N GLN C 121 10.66 1.62 -11.90
CA GLN C 121 11.73 0.64 -11.87
C GLN C 121 11.16 -0.66 -11.31
N SER C 122 11.60 -1.77 -11.87
CA SER C 122 11.24 -3.09 -11.35
C SER C 122 12.33 -4.10 -11.68
N ALA D 2 28.73 -4.21 8.70
CA ALA D 2 27.68 -3.88 9.66
C ALA D 2 26.86 -2.69 9.20
N TRP D 3 25.71 -2.49 9.84
CA TRP D 3 24.81 -1.41 9.48
C TRP D 3 24.39 -0.69 10.74
N LYS D 4 24.31 0.64 10.67
CA LYS D 4 23.80 1.42 11.79
C LYS D 4 22.88 2.48 11.24
N GLY D 5 21.75 2.69 11.90
CA GLY D 5 20.81 3.68 11.42
C GLY D 5 19.62 3.80 12.34
N GLU D 6 18.58 4.46 11.85
CA GLU D 6 17.39 4.68 12.65
C GLU D 6 16.13 4.25 11.90
N VAL D 7 15.09 3.91 12.65
CA VAL D 7 13.78 3.58 12.10
C VAL D 7 12.74 4.44 12.82
N LEU D 8 11.90 5.12 12.04
CA LEU D 8 10.88 6.01 12.60
C LEU D 8 9.64 5.23 13.03
N ALA D 9 9.08 5.61 14.17
CA ALA D 9 7.84 4.99 14.64
C ALA D 9 6.68 5.25 13.70
N ASN D 10 6.74 6.35 12.95
CA ASN D 10 5.62 6.71 12.09
C ASN D 10 5.63 6.11 10.70
N ASN D 11 6.61 5.25 10.41
CA ASN D 11 6.79 4.75 9.05
C ASN D 11 6.30 3.31 8.86
N GLU D 12 5.13 3.16 8.25
CA GLU D 12 4.56 1.83 8.03
C GLU D 12 5.44 0.97 7.13
N ALA D 13 6.24 1.64 6.29
CA ALA D 13 7.09 0.93 5.34
C ALA D 13 8.38 0.47 6.00
N GLY D 14 8.69 1.05 7.15
CA GLY D 14 9.92 0.71 7.85
C GLY D 14 11.18 1.16 7.14
N GLN D 15 12.31 0.70 7.66
CA GLN D 15 13.63 1.10 7.19
C GLN D 15 14.30 -0.11 6.55
N VAL D 16 14.52 -0.06 5.24
CA VAL D 16 15.23 -1.14 4.56
C VAL D 16 16.73 -0.96 4.80
N THR D 17 17.38 -1.96 5.40
CA THR D 17 18.81 -1.87 5.66
C THR D 17 19.58 -2.48 4.51
N SER D 18 20.90 -2.32 4.55
CA SER D 18 21.76 -2.91 3.53
C SER D 18 22.23 -4.31 3.93
N ILE D 19 21.70 -4.83 5.04
CA ILE D 19 22.05 -6.17 5.48
C ILE D 19 21.20 -7.20 4.76
N ILE D 20 21.85 -8.08 4.00
CA ILE D 20 21.14 -9.20 3.38
C ILE D 20 21.34 -10.46 4.22
N TYR D 21 20.26 -10.95 4.82
CA TYR D 21 20.35 -12.15 5.62
C TYR D 21 20.34 -13.39 4.72
N ASN D 22 21.41 -14.20 4.78
CA ASN D 22 21.49 -15.40 3.96
C ASN D 22 21.40 -16.64 4.82
N PRO D 23 20.93 -17.76 4.25
CA PRO D 23 20.86 -19.00 5.03
C PRO D 23 22.15 -19.33 5.77
N GLY D 24 22.02 -19.66 7.05
CA GLY D 24 23.15 -20.01 7.88
C GLY D 24 23.77 -18.81 8.60
N ASP D 25 23.40 -17.61 8.20
CA ASP D 25 24.00 -16.42 8.81
C ASP D 25 23.67 -16.33 10.30
N VAL D 26 24.65 -15.89 11.07
CA VAL D 26 24.45 -15.54 12.46
C VAL D 26 24.53 -14.03 12.54
N ILE D 27 23.53 -13.39 13.16
CA ILE D 27 23.54 -11.94 13.27
C ILE D 27 23.34 -11.45 14.69
N THR D 28 23.77 -10.23 14.92
CA THR D 28 23.52 -9.55 16.19
C THR D 28 22.90 -8.20 15.91
N ILE D 29 21.85 -7.89 16.67
CA ILE D 29 21.19 -6.59 16.57
C ILE D 29 21.11 -5.96 17.96
N VAL D 30 21.42 -4.68 18.06
CA VAL D 30 21.17 -3.93 19.29
C VAL D 30 20.33 -2.70 18.96
N ALA D 31 19.21 -2.54 19.66
CA ALA D 31 18.31 -1.43 19.38
C ALA D 31 18.13 -0.61 20.63
N ALA D 32 17.98 0.70 20.46
CA ALA D 32 17.82 1.60 21.60
C ALA D 32 16.96 2.77 21.21
N GLY D 33 16.47 3.49 22.21
CA GLY D 33 15.74 4.71 21.98
C GLY D 33 14.31 4.71 22.51
N TRP D 34 13.56 5.72 22.12
CA TRP D 34 12.26 5.98 22.70
C TRP D 34 11.26 6.35 21.61
N ALA D 35 10.09 5.74 21.67
CA ALA D 35 9.05 6.00 20.68
C ALA D 35 7.68 5.79 21.29
N SER D 36 6.67 6.28 20.59
CA SER D 36 5.29 6.11 21.02
C SER D 36 4.36 5.75 19.86
N TYR D 37 3.35 4.95 20.18
CA TYR D 37 2.30 4.59 19.24
C TYR D 37 1.11 5.53 19.35
N GLY D 38 1.24 6.61 20.12
CA GLY D 38 0.16 7.57 20.27
C GLY D 38 0.18 8.41 21.54
N PRO D 39 0.28 7.75 22.70
CA PRO D 39 0.30 8.48 23.99
C PRO D 39 1.50 9.41 24.14
N THR D 40 1.41 10.34 25.09
CA THR D 40 2.52 11.25 25.35
C THR D 40 3.74 10.50 25.90
N GLN D 41 3.51 9.42 26.63
CA GLN D 41 4.60 8.61 27.15
C GLN D 41 5.36 7.99 25.99
N LYS D 42 6.60 7.59 26.25
CA LYS D 42 7.38 6.84 25.28
C LYS D 42 7.84 5.50 25.86
N TRP D 43 8.04 4.51 24.99
CA TRP D 43 8.49 3.19 25.38
C TRP D 43 9.76 2.85 24.63
N GLY D 44 10.53 1.93 25.19
CA GLY D 44 11.72 1.43 24.52
C GLY D 44 11.36 0.42 23.45
N PRO D 45 12.38 -0.27 22.89
CA PRO D 45 12.19 -1.21 21.77
C PRO D 45 11.39 -2.47 22.09
N GLN D 46 11.07 -2.74 23.36
CA GLN D 46 10.18 -3.86 23.67
C GLN D 46 8.72 -3.41 23.62
N GLY D 47 8.50 -2.11 23.46
CA GLY D 47 7.14 -1.58 23.40
C GLY D 47 6.45 -1.52 24.75
N ASP D 48 5.13 -1.56 24.72
CA ASP D 48 4.28 -1.37 25.89
C ASP D 48 3.61 -2.68 26.30
N ARG D 49 4.10 -3.29 27.37
CA ARG D 49 3.64 -4.61 27.79
C ARG D 49 2.21 -4.59 28.30
N GLU D 50 1.66 -3.40 28.53
CA GLU D 50 0.29 -3.30 29.06
C GLU D 50 -0.75 -3.08 27.96
N HIS D 51 -0.29 -2.92 26.72
CA HIS D 51 -1.19 -2.55 25.65
C HIS D 51 -1.76 -3.76 24.92
N PRO D 52 -3.08 -3.73 24.65
CA PRO D 52 -3.68 -4.84 23.91
C PRO D 52 -3.23 -4.88 22.44
N ASP D 53 -3.20 -6.08 21.86
CA ASP D 53 -2.98 -6.25 20.42
C ASP D 53 -4.30 -6.02 19.69
N GLN D 54 -4.39 -4.91 18.96
CA GLN D 54 -5.59 -4.58 18.21
C GLN D 54 -5.43 -4.77 16.70
N GLY D 55 -4.51 -5.65 16.31
CA GLY D 55 -4.25 -5.93 14.90
C GLY D 55 -2.86 -5.50 14.47
N LEU D 56 -1.88 -5.73 15.34
CA LEU D 56 -0.50 -5.36 15.08
C LEU D 56 0.12 -6.10 13.90
N ILE D 57 1.14 -5.49 13.29
CA ILE D 57 1.84 -6.15 12.20
C ILE D 57 2.61 -7.38 12.70
N CYS D 58 2.91 -7.40 14.00
CA CYS D 58 3.55 -8.55 14.62
C CYS D 58 2.82 -8.94 15.89
N HIS D 59 2.14 -10.09 15.87
CA HIS D 59 1.37 -10.53 17.02
C HIS D 59 2.24 -11.17 18.10
N ASP D 60 3.54 -11.32 17.82
CA ASP D 60 4.46 -11.94 18.77
C ASP D 60 5.34 -10.91 19.49
N ALA D 61 4.94 -9.64 19.41
CA ALA D 61 5.63 -8.59 20.17
C ALA D 61 4.63 -7.53 20.57
N PHE D 62 4.97 -6.72 21.56
CA PHE D 62 4.04 -5.72 22.03
C PHE D 62 3.92 -4.56 21.05
N CYS D 63 2.81 -3.85 21.14
CA CYS D 63 2.64 -2.59 20.43
C CYS D 63 3.79 -1.68 20.85
N GLY D 64 4.47 -1.09 19.88
CA GLY D 64 5.58 -0.19 20.17
C GLY D 64 6.92 -0.88 20.14
N ALA D 65 6.93 -2.18 19.91
CA ALA D 65 8.19 -2.93 19.81
C ALA D 65 8.84 -2.80 18.45
N LEU D 66 10.14 -3.01 18.42
CA LEU D 66 10.87 -3.13 17.15
C LEU D 66 10.71 -4.55 16.60
N VAL D 67 10.31 -4.65 15.33
CA VAL D 67 10.26 -5.95 14.67
C VAL D 67 10.98 -5.83 13.33
N MET D 68 11.11 -6.95 12.61
CA MET D 68 11.76 -6.89 11.30
C MET D 68 11.12 -7.87 10.34
N LYS D 69 11.42 -7.68 9.06
CA LYS D 69 11.21 -8.70 8.05
C LYS D 69 12.53 -9.00 7.39
N ILE D 70 12.69 -10.24 6.97
CA ILE D 70 13.84 -10.62 6.19
C ILE D 70 13.31 -11.02 4.81
N GLY D 71 13.70 -10.26 3.80
CA GLY D 71 13.08 -10.38 2.50
C GLY D 71 11.58 -10.23 2.64
N ASN D 72 10.82 -11.16 2.05
CA ASN D 72 9.37 -11.10 2.15
C ASN D 72 8.77 -11.98 3.25
N SER D 73 9.51 -12.17 4.33
CA SER D 73 9.05 -12.99 5.45
C SER D 73 7.91 -12.32 6.21
N GLY D 74 7.29 -13.07 7.11
CA GLY D 74 6.41 -12.48 8.11
C GLY D 74 7.25 -11.69 9.08
N THR D 75 6.60 -10.90 9.93
CA THR D 75 7.33 -10.11 10.91
C THR D 75 7.98 -10.99 11.96
N ILE D 76 9.15 -10.57 12.43
CA ILE D 76 9.91 -11.30 13.42
C ILE D 76 10.26 -10.32 14.53
N PRO D 77 9.98 -10.67 15.80
CA PRO D 77 10.32 -9.74 16.88
C PRO D 77 11.82 -9.49 16.97
N VAL D 78 12.19 -8.22 17.18
CA VAL D 78 13.57 -7.85 17.47
C VAL D 78 13.68 -7.34 18.91
N ASN D 79 12.76 -6.47 19.31
CA ASN D 79 12.78 -5.92 20.66
C ASN D 79 14.09 -5.16 20.92
N THR D 80 14.75 -5.42 22.04
CA THR D 80 16.03 -4.75 22.34
C THR D 80 17.18 -5.25 21.47
N GLY D 81 16.96 -6.38 20.80
CA GLY D 81 17.95 -6.93 19.89
C GLY D 81 18.04 -8.45 19.90
N LEU D 82 18.99 -8.95 19.13
CA LEU D 82 19.19 -10.37 18.94
C LEU D 82 20.67 -10.65 19.14
N PHE D 83 20.97 -11.69 19.89
CA PHE D 83 22.36 -12.01 20.20
C PHE D 83 22.78 -13.29 19.48
N ARG D 84 23.66 -13.15 18.50
CA ARG D 84 24.17 -14.30 17.75
C ARG D 84 23.04 -15.24 17.34
N TRP D 85 22.12 -14.67 16.57
CA TRP D 85 20.84 -15.25 16.24
C TRP D 85 20.86 -15.84 14.84
N VAL D 86 20.27 -17.02 14.69
CA VAL D 86 20.08 -17.66 13.39
C VAL D 86 18.59 -17.78 13.13
N ALA D 87 18.17 -17.52 11.89
CA ALA D 87 16.75 -17.45 11.54
C ALA D 87 16.12 -18.83 11.51
N PRO D 88 14.78 -18.87 11.46
CA PRO D 88 14.03 -20.10 11.14
C PRO D 88 14.26 -20.48 9.68
N ASN D 89 14.34 -21.77 9.42
CA ASN D 89 14.73 -22.28 8.11
C ASN D 89 14.14 -21.52 6.91
N ASN D 90 14.95 -21.39 5.85
CA ASN D 90 14.50 -20.87 4.56
C ASN D 90 14.43 -19.34 4.41
N VAL D 91 14.29 -18.61 5.51
CA VAL D 91 14.22 -17.15 5.46
C VAL D 91 15.49 -16.50 4.86
N GLN D 92 15.32 -15.57 3.93
CA GLN D 92 16.46 -14.87 3.33
C GLN D 92 16.09 -13.56 2.62
N GLY D 93 17.04 -12.62 2.61
CA GLY D 93 16.85 -11.35 1.94
C GLY D 93 17.18 -10.16 2.83
N ALA D 94 16.93 -8.96 2.32
CA ALA D 94 17.26 -7.75 3.06
C ALA D 94 16.48 -7.65 4.35
N ILE D 95 17.12 -7.13 5.39
CA ILE D 95 16.43 -6.86 6.64
C ILE D 95 15.74 -5.51 6.58
N THR D 96 14.43 -5.50 6.82
CA THR D 96 13.68 -4.26 6.97
C THR D 96 13.26 -4.17 8.43
N LEU D 97 13.60 -3.06 9.07
CA LEU D 97 13.20 -2.80 10.44
C LEU D 97 11.88 -2.03 10.43
N ILE D 98 10.97 -2.41 11.32
CA ILE D 98 9.66 -1.75 11.38
C ILE D 98 9.16 -1.59 12.83
N TYR D 99 8.50 -0.47 13.08
CA TYR D 99 7.82 -0.23 14.35
C TYR D 99 6.51 -1.02 14.38
N ASN D 100 6.26 -1.71 15.48
CA ASN D 100 5.06 -2.56 15.60
C ASN D 100 3.82 -1.76 16.02
N ASP D 101 2.91 -1.56 15.07
CA ASP D 101 1.65 -0.89 15.36
C ASP D 101 0.61 -1.45 14.40
N VAL D 102 -0.63 -0.99 14.55
CA VAL D 102 -1.72 -1.44 13.68
C VAL D 102 -1.72 -0.66 12.38
N PRO D 103 -1.74 -1.37 11.24
CA PRO D 103 -1.74 -0.67 9.94
C PRO D 103 -2.83 0.40 9.89
N GLY D 104 -2.49 1.57 9.35
CA GLY D 104 -3.44 2.66 9.29
C GLY D 104 -3.49 3.53 10.54
N THR D 105 -2.77 3.14 11.59
CA THR D 105 -2.82 3.91 12.83
C THR D 105 -1.46 4.53 13.17
N TYR D 106 -0.56 4.60 12.21
CA TYR D 106 0.78 5.12 12.46
C TYR D 106 0.82 6.66 12.50
N GLY D 107 -0.30 7.30 12.17
CA GLY D 107 -0.34 8.75 12.08
C GLY D 107 0.02 9.52 13.34
N ASN D 108 -0.32 8.95 14.49
CA ASN D 108 -0.05 9.62 15.75
C ASN D 108 1.23 9.12 16.43
N ASN D 109 2.06 8.40 15.69
CA ASN D 109 3.30 7.85 16.24
C ASN D 109 4.41 8.89 16.26
N SER D 110 5.35 8.74 17.19
CA SER D 110 6.50 9.64 17.27
C SER D 110 7.72 8.92 17.80
N GLY D 111 8.88 9.52 17.58
CA GLY D 111 10.12 8.93 18.02
C GLY D 111 10.69 7.93 17.03
N SER D 112 11.72 7.23 17.48
CA SER D 112 12.50 6.36 16.60
C SER D 112 13.40 5.49 17.45
N PHE D 113 13.90 4.42 16.85
CA PHE D 113 14.92 3.58 17.49
C PHE D 113 16.20 3.65 16.67
N SER D 114 17.32 3.68 17.39
CA SER D 114 18.64 3.61 16.77
C SER D 114 19.04 2.13 16.80
N VAL D 115 19.53 1.61 15.68
CA VAL D 115 19.75 0.17 15.57
C VAL D 115 21.11 -0.13 14.93
N ASN D 116 21.83 -1.07 15.52
CA ASN D 116 23.07 -1.61 14.95
C ASN D 116 22.84 -3.05 14.56
N ILE D 117 23.28 -3.45 13.36
CA ILE D 117 23.19 -4.84 12.94
C ILE D 117 24.55 -5.26 12.41
N GLY D 118 24.98 -6.45 12.81
CA GLY D 118 26.22 -7.01 12.26
C GLY D 118 26.13 -8.51 12.04
N LYS D 119 26.93 -9.03 11.10
CA LYS D 119 27.05 -10.46 10.95
C LYS D 119 28.16 -10.98 11.87
N ASP D 120 27.93 -12.17 12.41
CA ASP D 120 28.84 -12.77 13.38
C ASP D 120 29.55 -13.94 12.76
N GLN D 121 30.53 -14.50 13.45
CA GLN D 121 31.18 -15.67 12.87
C GLN D 121 30.30 -16.90 12.94
N SER D 122 30.47 -17.78 11.96
CA SER D 122 29.65 -18.97 11.85
C SER D 122 30.41 -20.03 11.05
#